data_8GFQ
#
_entry.id   8GFQ
#
_cell.length_a   176.669
_cell.length_b   176.669
_cell.length_c   176.669
_cell.angle_alpha   90.000
_cell.angle_beta   90.000
_cell.angle_gamma   90.000
#
_symmetry.space_group_name_H-M   'I 2 3'
#
loop_
_entity.id
_entity.type
_entity.pdbx_description
1 polymer 'Lytic transglycosylase domain-containing protein'
2 non-polymer '9-AMINO-2-DEOXY-2,3-DEHYDRO-N-ACETYL-NEURAMINIC ACID'
3 non-polymer 'CITRIC ACID'
4 non-polymer 'TRIETHYLENE GLYCOL'
5 non-polymer 'DIMETHYL SULFOXIDE'
6 water water
#
_entity_poly.entity_id   1
_entity_poly.type   'polypeptide(L)'
_entity_poly.pdbx_seq_one_letter_code
;MGSSHHHHHHSSGLVPRGSHMQYSIEKLKKEENSLAKDYYIYRLLEKNKISKKDAQDLNSHIFRYIGKIKSELEKIIPLK
PYINPKYAKCYTYTANTILDANLTCQSVRLNSLVFIASLNSKDRTTLAQTFKNQRPDLTNLLLAFNTSDPMSYIVQKEDI
NGFFKLYNYSKKYDLDLNTSLVNKLPNHIGFKDFAQNIIIKKENPKFRHSMLEINPENVSEDSAFYLGVNALTYDKTELA
YDFFKKAAQSFKSQSNKDNAIFWMWLIKNNEEDLKTLSQSSSLNIYSLYAKELTNTPFPKIESLNPSKKKNNFNMQDPFA
WQKINKQIRDANASQLDVLAKEFDTQETLPIYAYILERKNNFKKHYFIMPYYDNIKDYNKTRQALILAIARQESRFIPTA
ISVSYALGMMQFMPFLANHIGEKELKIPNFDQDFMFKPEIAYYFGNYHLNYLESRLKSPLFVAYAYNGGIGFTNRMLARN
DMFKTGKFEPFLSMELVPYQESRIYGKKVLANYIVYRHLLNDSIKISDIFENLIQNKANDLNKS
;
_entity_poly.pdbx_strand_id   A
#
# COMPACT_ATOMS: atom_id res chain seq x y z
N GLN A 22 3.96 29.86 8.84
CA GLN A 22 2.67 30.20 8.21
C GLN A 22 2.85 31.03 6.94
N TYR A 23 2.48 30.45 5.80
CA TYR A 23 2.53 31.12 4.51
C TYR A 23 1.11 31.48 4.08
N SER A 24 0.94 32.69 3.55
CA SER A 24 -0.36 33.14 3.06
C SER A 24 -0.66 32.52 1.70
N ILE A 25 -1.96 32.53 1.34
CA ILE A 25 -2.39 31.84 0.13
C ILE A 25 -1.77 32.46 -1.12
N GLU A 26 -1.42 33.75 -1.06
CA GLU A 26 -0.77 34.40 -2.19
C GLU A 26 0.67 33.92 -2.35
N LYS A 27 1.39 33.70 -1.24
CA LYS A 27 2.73 33.15 -1.30
C LYS A 27 2.73 31.73 -1.85
N LEU A 28 1.77 30.91 -1.40
CA LEU A 28 1.74 29.52 -1.83
C LEU A 28 1.46 29.39 -3.31
N LYS A 29 0.67 30.31 -3.87
CA LYS A 29 0.37 30.24 -5.29
C LYS A 29 1.60 30.47 -6.15
N LYS A 30 2.63 31.12 -5.62
CA LYS A 30 3.89 31.31 -6.31
C LYS A 30 4.84 30.13 -6.18
N GLU A 31 4.44 29.05 -5.50
CA GLU A 31 5.23 27.84 -5.36
C GLU A 31 4.76 26.79 -6.36
N GLU A 32 5.66 25.86 -6.69
CA GLU A 32 5.32 24.76 -7.58
C GLU A 32 4.25 23.89 -6.94
N ASN A 33 3.36 23.36 -7.77
CA ASN A 33 2.41 22.36 -7.30
C ASN A 33 3.16 21.14 -6.79
N SER A 34 2.83 20.70 -5.58
CA SER A 34 3.52 19.60 -4.91
C SER A 34 2.75 19.26 -3.65
N LEU A 35 3.07 18.10 -3.09
CA LEU A 35 2.44 17.69 -1.85
C LEU A 35 2.69 18.71 -0.73
N ALA A 36 3.83 19.39 -0.73
CA ALA A 36 4.07 20.37 0.32
C ALA A 36 3.14 21.57 0.16
N LYS A 37 3.00 22.07 -1.07
CA LYS A 37 2.06 23.15 -1.31
C LYS A 37 0.64 22.72 -0.98
N ASP A 38 0.25 21.50 -1.38
CA ASP A 38 -1.06 20.97 -1.00
C ASP A 38 -1.26 21.00 0.50
N TYR A 39 -0.28 20.44 1.23
CA TYR A 39 -0.35 20.37 2.69
C TYR A 39 -0.65 21.74 3.29
N TYR A 40 0.09 22.77 2.84
CA TYR A 40 -0.09 24.11 3.39
C TYR A 40 -1.41 24.75 2.94
N ILE A 41 -1.90 24.40 1.76
CA ILE A 41 -3.24 24.83 1.38
C ILE A 41 -4.27 24.16 2.29
N TYR A 42 -4.12 22.85 2.52
CA TYR A 42 -5.02 22.18 3.45
C TYR A 42 -5.00 22.84 4.82
N ARG A 43 -3.84 23.33 5.26
CA ARG A 43 -3.76 23.93 6.59
C ARG A 43 -4.58 25.21 6.65
N LEU A 44 -4.49 26.03 5.60
CA LEU A 44 -5.36 27.20 5.52
C LEU A 44 -6.82 26.79 5.54
N LEU A 45 -7.16 25.73 4.82
CA LEU A 45 -8.55 25.33 4.71
C LEU A 45 -9.11 24.89 6.06
N GLU A 46 -8.35 24.06 6.79
CA GLU A 46 -8.86 23.59 8.08
C GLU A 46 -8.88 24.71 9.11
N LYS A 47 -8.10 25.78 8.90
CA LYS A 47 -8.20 26.98 9.74
C LYS A 47 -9.25 27.97 9.23
N ASN A 48 -9.99 27.64 8.16
CA ASN A 48 -11.03 28.51 7.62
C ASN A 48 -10.47 29.83 7.11
N LYS A 49 -9.21 29.84 6.68
CA LYS A 49 -8.57 31.04 6.16
C LYS A 49 -8.63 31.18 4.64
N ILE A 50 -9.31 30.26 3.94
CA ILE A 50 -9.49 30.35 2.49
C ILE A 50 -10.89 30.87 2.22
N SER A 51 -11.01 32.12 1.76
CA SER A 51 -12.33 32.66 1.43
C SER A 51 -12.88 31.99 0.16
N LYS A 52 -14.17 32.21 -0.10
CA LYS A 52 -14.77 31.76 -1.36
C LYS A 52 -14.11 32.42 -2.57
N LYS A 53 -13.65 33.67 -2.44
CA LYS A 53 -12.99 34.29 -3.57
C LYS A 53 -11.56 33.76 -3.75
N ASP A 54 -10.87 33.45 -2.64
CA ASP A 54 -9.57 32.78 -2.70
C ASP A 54 -9.67 31.45 -3.43
N ALA A 55 -10.76 30.72 -3.17
CA ALA A 55 -10.93 29.35 -3.62
C ALA A 55 -11.24 29.22 -5.11
N GLN A 56 -11.54 30.32 -5.81
CA GLN A 56 -12.02 30.22 -7.18
C GLN A 56 -10.98 29.56 -8.08
N ASP A 57 -9.77 30.13 -8.14
CA ASP A 57 -8.72 29.63 -9.02
C ASP A 57 -7.86 28.54 -8.39
N LEU A 58 -8.36 27.89 -7.34
CA LEU A 58 -7.46 27.09 -6.49
C LEU A 58 -7.34 25.65 -6.95
N ASN A 59 -8.38 25.08 -7.57
CA ASN A 59 -8.31 23.69 -8.04
C ASN A 59 -7.14 23.49 -9.01
N SER A 60 -6.74 24.52 -9.73
CA SER A 60 -5.55 24.45 -10.58
C SER A 60 -4.25 24.51 -9.77
N HIS A 61 -4.32 24.84 -8.49
CA HIS A 61 -3.13 24.95 -7.66
C HIS A 61 -2.89 23.72 -6.79
N ILE A 62 -3.64 22.65 -7.01
CA ILE A 62 -3.63 21.50 -6.11
C ILE A 62 -2.94 20.35 -6.84
N PHE A 63 -1.79 19.93 -6.30
CA PHE A 63 -1.03 18.85 -6.93
C PHE A 63 -1.82 17.55 -6.96
N ARG A 64 -2.56 17.24 -5.90
CA ARG A 64 -3.25 15.96 -5.81
C ARG A 64 -4.66 16.18 -5.24
N TYR A 65 -5.61 16.44 -6.14
CA TYR A 65 -6.98 16.78 -5.76
C TYR A 65 -7.77 15.52 -5.38
N ILE A 66 -7.29 14.85 -4.35
CA ILE A 66 -7.92 13.63 -3.85
C ILE A 66 -8.02 13.72 -2.34
N GLY A 67 -9.11 13.22 -1.77
CA GLY A 67 -9.15 13.03 -0.35
C GLY A 67 -9.59 14.25 0.42
N LYS A 68 -8.93 14.54 1.54
CA LYS A 68 -9.49 15.52 2.46
C LYS A 68 -9.34 16.95 1.95
N ILE A 69 -8.28 17.27 1.20
CA ILE A 69 -8.18 18.59 0.60
C ILE A 69 -9.31 18.81 -0.39
N LYS A 70 -9.72 17.76 -1.09
CA LYS A 70 -10.81 17.85 -2.05
C LYS A 70 -12.14 18.10 -1.37
N SER A 71 -12.48 17.32 -0.34
CA SER A 71 -13.75 17.52 0.33
C SER A 71 -13.78 18.82 1.13
N GLU A 72 -12.62 19.29 1.59
CA GLU A 72 -12.57 20.56 2.31
C GLU A 72 -12.77 21.74 1.36
N LEU A 73 -12.15 21.68 0.19
CA LEU A 73 -12.34 22.75 -0.79
C LEU A 73 -13.76 22.73 -1.35
N GLU A 74 -14.41 21.57 -1.36
CA GLU A 74 -15.75 21.43 -1.90
C GLU A 74 -16.83 21.87 -0.92
N LYS A 75 -16.50 22.02 0.37
CA LYS A 75 -17.40 22.69 1.30
C LYS A 75 -17.52 24.18 0.97
N ILE A 76 -16.51 24.76 0.32
CA ILE A 76 -16.53 26.17 -0.07
C ILE A 76 -17.13 26.33 -1.46
N ILE A 77 -16.62 25.61 -2.44
CA ILE A 77 -17.07 25.72 -3.83
C ILE A 77 -17.40 24.33 -4.30
N PRO A 78 -18.63 23.87 -4.14
CA PRO A 78 -18.94 22.48 -4.54
C PRO A 78 -18.93 22.35 -6.05
N LEU A 79 -18.33 21.27 -6.53
CA LEU A 79 -18.42 20.93 -7.95
C LEU A 79 -19.61 20.00 -8.15
N LYS A 80 -20.59 20.47 -8.94
CA LYS A 80 -21.67 19.64 -9.47
C LYS A 80 -21.17 18.78 -10.64
N PRO A 81 -20.18 19.28 -11.48
CA PRO A 81 -19.59 18.42 -12.52
C PRO A 81 -19.29 16.97 -12.12
N TYR A 82 -19.10 16.09 -13.12
CA TYR A 82 -19.05 16.37 -14.56
C TYR A 82 -19.77 15.30 -15.37
N ILE A 83 -20.53 15.74 -16.37
CA ILE A 83 -21.16 14.85 -17.35
C ILE A 83 -20.72 15.30 -18.73
N ASN A 84 -20.28 14.35 -19.55
CA ASN A 84 -19.84 14.64 -20.90
C ASN A 84 -20.99 15.27 -21.69
N PRO A 85 -20.81 16.49 -22.21
CA PRO A 85 -21.91 17.15 -22.94
C PRO A 85 -22.50 16.33 -24.09
N LYS A 86 -21.79 15.31 -24.58
CA LYS A 86 -22.36 14.46 -25.62
C LYS A 86 -23.50 13.59 -25.09
N TYR A 87 -23.42 13.15 -23.83
CA TYR A 87 -24.42 12.28 -23.22
C TYR A 87 -25.30 13.00 -22.21
N ALA A 88 -25.38 14.33 -22.30
CA ALA A 88 -26.12 15.10 -21.31
C ALA A 88 -27.58 14.68 -21.27
N LYS A 89 -28.23 14.58 -22.44
CA LYS A 89 -29.65 14.24 -22.47
C LYS A 89 -29.92 12.86 -21.90
N CYS A 90 -28.92 11.97 -21.86
CA CYS A 90 -29.14 10.62 -21.39
C CYS A 90 -29.40 10.55 -19.90
N TYR A 91 -28.98 11.56 -19.14
CA TYR A 91 -29.17 11.53 -17.70
C TYR A 91 -30.41 12.31 -17.27
N THR A 92 -31.23 12.79 -18.22
CA THR A 92 -32.54 13.33 -17.92
C THR A 92 -33.63 12.24 -17.90
N TYR A 93 -33.25 10.97 -18.01
CA TYR A 93 -34.20 9.88 -17.94
C TYR A 93 -34.01 9.13 -16.63
N THR A 94 -35.03 8.38 -16.26
CA THR A 94 -35.04 7.55 -15.06
C THR A 94 -35.55 6.17 -15.44
N ALA A 95 -35.53 5.26 -14.48
CA ALA A 95 -36.09 3.93 -14.71
C ALA A 95 -37.50 3.97 -15.30
N ASN A 96 -38.28 4.99 -14.93
CA ASN A 96 -39.67 5.10 -15.38
C ASN A 96 -39.80 5.55 -16.83
N THR A 97 -38.78 6.19 -17.40
CA THR A 97 -38.91 6.73 -18.75
C THR A 97 -37.82 6.26 -19.70
N ILE A 98 -37.05 5.24 -19.33
CA ILE A 98 -35.89 4.88 -20.14
C ILE A 98 -36.33 4.30 -21.49
N LEU A 99 -37.51 3.72 -21.56
CA LEU A 99 -38.00 3.23 -22.84
C LEU A 99 -38.39 4.35 -23.81
N ASP A 100 -38.41 5.61 -23.37
CA ASP A 100 -38.54 6.76 -24.26
C ASP A 100 -37.21 7.23 -24.82
N ALA A 101 -36.09 6.79 -24.26
CA ALA A 101 -34.80 7.30 -24.69
C ALA A 101 -34.37 6.63 -25.98
N ASN A 102 -33.58 7.36 -26.77
CA ASN A 102 -33.04 6.77 -27.98
C ASN A 102 -32.05 5.67 -27.63
N LEU A 103 -31.66 4.90 -28.64
CA LEU A 103 -30.90 3.69 -28.41
C LEU A 103 -29.57 3.98 -27.72
N THR A 104 -28.91 5.08 -28.09
CA THR A 104 -27.62 5.37 -27.48
C THR A 104 -27.78 5.69 -25.99
N CYS A 105 -28.80 6.47 -25.63
CA CYS A 105 -29.01 6.79 -24.23
C CYS A 105 -29.34 5.54 -23.42
N GLN A 106 -30.17 4.65 -23.96
CA GLN A 106 -30.43 3.37 -23.30
C GLN A 106 -29.13 2.61 -22.99
N SER A 107 -28.23 2.52 -23.98
CA SER A 107 -27.02 1.75 -23.72
C SER A 107 -26.10 2.47 -22.75
N VAL A 108 -26.07 3.80 -22.78
CA VAL A 108 -25.25 4.55 -21.83
C VAL A 108 -25.70 4.28 -20.40
N ARG A 109 -27.01 4.40 -20.14
CA ARG A 109 -27.53 4.26 -18.78
C ARG A 109 -27.41 2.84 -18.26
N LEU A 110 -27.33 1.85 -19.14
CA LEU A 110 -27.25 0.48 -18.70
C LEU A 110 -25.83 0.06 -18.31
N ASN A 111 -24.87 0.99 -18.30
CA ASN A 111 -23.55 0.71 -17.74
C ASN A 111 -23.56 0.59 -16.23
N SER A 112 -24.62 1.08 -15.57
CA SER A 112 -24.75 1.06 -14.12
C SER A 112 -25.65 -0.10 -13.69
N LEU A 113 -25.11 -1.01 -12.89
CA LEU A 113 -25.93 -2.15 -12.45
C LEU A 113 -26.99 -1.72 -11.45
N VAL A 114 -26.74 -0.64 -10.71
CA VAL A 114 -27.79 -0.10 -9.87
C VAL A 114 -28.96 0.37 -10.73
N PHE A 115 -28.68 1.06 -11.83
CA PHE A 115 -29.76 1.47 -12.72
C PHE A 115 -30.54 0.26 -13.21
N ILE A 116 -29.82 -0.78 -13.67
CA ILE A 116 -30.47 -2.02 -14.11
C ILE A 116 -31.34 -2.60 -13.00
N ALA A 117 -30.81 -2.66 -11.77
CA ALA A 117 -31.57 -3.21 -10.66
C ALA A 117 -32.84 -2.42 -10.41
N SER A 118 -32.81 -1.10 -10.67
CA SER A 118 -33.96 -0.24 -10.40
C SER A 118 -35.06 -0.34 -11.43
N LEU A 119 -34.81 -0.97 -12.58
CA LEU A 119 -35.85 -1.15 -13.58
C LEU A 119 -36.81 -2.24 -13.13
N ASN A 120 -37.98 -2.27 -13.76
CA ASN A 120 -38.89 -3.37 -13.49
C ASN A 120 -38.72 -4.47 -14.53
N SER A 121 -39.27 -5.64 -14.21
CA SER A 121 -38.98 -6.86 -14.96
C SER A 121 -39.33 -6.72 -16.44
N LYS A 122 -40.54 -6.23 -16.72
CA LYS A 122 -40.99 -6.14 -18.12
C LYS A 122 -40.06 -5.24 -18.93
N ASP A 123 -39.56 -4.17 -18.32
CA ASP A 123 -38.64 -3.29 -19.05
C ASP A 123 -37.28 -3.96 -19.26
N ARG A 124 -36.79 -4.70 -18.27
CA ARG A 124 -35.53 -5.42 -18.47
C ARG A 124 -35.68 -6.46 -19.59
N THR A 125 -36.84 -7.11 -19.68
CA THR A 125 -37.09 -8.07 -20.76
C THR A 125 -37.12 -7.37 -22.11
N THR A 126 -37.85 -6.24 -22.20
CA THR A 126 -37.90 -5.47 -23.45
C THR A 126 -36.50 -5.03 -23.87
N LEU A 127 -35.76 -4.42 -22.93
CA LEU A 127 -34.40 -3.96 -23.24
C LEU A 127 -33.47 -5.13 -23.59
N ALA A 128 -33.65 -6.29 -22.92
CA ALA A 128 -32.81 -7.44 -23.23
C ALA A 128 -32.97 -7.87 -24.70
N GLN A 129 -34.18 -7.77 -25.23
CA GLN A 129 -34.40 -8.10 -26.63
C GLN A 129 -33.77 -7.07 -27.56
N THR A 130 -33.91 -5.80 -27.22
CA THR A 130 -33.28 -4.77 -28.03
C THR A 130 -31.80 -5.03 -28.24
N PHE A 131 -31.12 -5.50 -27.21
CA PHE A 131 -29.66 -5.51 -27.22
C PHE A 131 -29.06 -6.89 -27.42
N LYS A 132 -29.86 -7.95 -27.54
CA LYS A 132 -29.26 -9.28 -27.65
C LYS A 132 -28.33 -9.38 -28.85
N ASN A 133 -28.60 -8.64 -29.92
CA ASN A 133 -27.70 -8.62 -31.07
C ASN A 133 -26.45 -7.81 -30.78
N GLN A 134 -26.60 -6.49 -30.61
CA GLN A 134 -25.46 -5.59 -30.54
C GLN A 134 -24.67 -5.75 -29.24
N ARG A 135 -25.36 -5.85 -28.11
CA ARG A 135 -24.72 -5.83 -26.79
C ARG A 135 -25.21 -6.99 -25.96
N PRO A 136 -24.83 -8.23 -26.32
CA PRO A 136 -25.24 -9.38 -25.50
C PRO A 136 -24.78 -9.26 -24.05
N ASP A 137 -23.70 -8.53 -23.77
CA ASP A 137 -23.30 -8.31 -22.39
C ASP A 137 -24.41 -7.61 -21.58
N LEU A 138 -25.07 -6.61 -22.19
CA LEU A 138 -26.20 -5.96 -21.53
C LEU A 138 -27.36 -6.92 -21.36
N THR A 139 -27.70 -7.66 -22.41
CA THR A 139 -28.76 -8.67 -22.33
C THR A 139 -28.56 -9.61 -21.16
N ASN A 140 -27.34 -10.11 -20.97
CA ASN A 140 -27.07 -11.05 -19.89
C ASN A 140 -27.32 -10.41 -18.54
N LEU A 141 -26.91 -9.16 -18.37
CA LEU A 141 -27.13 -8.48 -17.09
C LEU A 141 -28.60 -8.13 -16.89
N LEU A 142 -29.26 -7.64 -17.94
CA LEU A 142 -30.68 -7.33 -17.86
C LEU A 142 -31.47 -8.55 -17.43
N LEU A 143 -31.24 -9.69 -18.08
CA LEU A 143 -31.99 -10.89 -17.74
C LEU A 143 -31.51 -11.50 -16.43
N ALA A 144 -30.25 -11.30 -16.05
CA ALA A 144 -29.79 -11.80 -14.75
C ALA A 144 -30.58 -11.16 -13.62
N PHE A 145 -30.88 -9.87 -13.75
CA PHE A 145 -31.57 -9.15 -12.68
C PHE A 145 -33.06 -9.46 -12.64
N ASN A 146 -33.60 -10.13 -13.65
CA ASN A 146 -34.94 -10.68 -13.54
C ASN A 146 -34.98 -11.97 -12.73
N THR A 147 -33.86 -12.44 -12.21
CA THR A 147 -33.87 -13.63 -11.36
C THR A 147 -33.59 -13.24 -9.92
N SER A 148 -33.84 -14.18 -9.02
CA SER A 148 -33.51 -14.00 -7.61
C SER A 148 -32.01 -14.04 -7.33
N ASP A 149 -31.19 -14.50 -8.28
CA ASP A 149 -29.72 -14.51 -8.11
C ASP A 149 -29.02 -14.15 -9.41
N PRO A 150 -28.73 -12.88 -9.62
CA PRO A 150 -28.05 -12.48 -10.86
C PRO A 150 -26.68 -13.10 -11.04
N MET A 151 -25.94 -13.33 -9.95
CA MET A 151 -24.62 -13.93 -10.07
C MET A 151 -24.72 -15.36 -10.57
N SER A 152 -25.71 -16.10 -10.10
CA SER A 152 -25.86 -17.46 -10.57
C SER A 152 -26.16 -17.48 -12.06
N TYR A 153 -26.94 -16.51 -12.55
CA TYR A 153 -27.26 -16.46 -13.98
C TYR A 153 -26.01 -16.09 -14.79
N ILE A 154 -25.23 -15.14 -14.30
CA ILE A 154 -24.04 -14.69 -15.04
C ILE A 154 -23.00 -15.80 -15.07
N VAL A 155 -22.86 -16.53 -13.96
CA VAL A 155 -21.93 -17.66 -13.90
C VAL A 155 -22.31 -18.76 -14.89
N GLN A 156 -23.62 -19.01 -15.05
CA GLN A 156 -24.07 -20.01 -16.02
C GLN A 156 -23.77 -19.58 -17.47
N LYS A 157 -23.86 -18.29 -17.79
CA LYS A 157 -23.45 -17.83 -19.12
C LYS A 157 -21.94 -17.80 -19.30
N GLU A 158 -21.17 -17.95 -18.22
CA GLU A 158 -19.73 -17.74 -18.23
C GLU A 158 -19.35 -16.38 -18.84
N ASP A 159 -20.16 -15.35 -18.53
CA ASP A 159 -19.91 -13.97 -18.95
C ASP A 159 -18.89 -13.36 -17.99
N ILE A 160 -17.62 -13.33 -18.39
CA ILE A 160 -16.54 -12.89 -17.51
C ILE A 160 -16.67 -11.40 -17.17
N ASN A 161 -16.96 -10.55 -18.15
CA ASN A 161 -17.12 -9.12 -17.88
C ASN A 161 -18.28 -8.89 -16.91
N GLY A 162 -19.40 -9.57 -17.16
CA GLY A 162 -20.54 -9.46 -16.27
C GLY A 162 -20.21 -9.91 -14.87
N PHE A 163 -19.41 -10.98 -14.74
CA PHE A 163 -19.07 -11.47 -13.41
C PHE A 163 -18.41 -10.37 -12.59
N PHE A 164 -17.42 -9.69 -13.19
CA PHE A 164 -16.71 -8.66 -12.43
C PHE A 164 -17.57 -7.41 -12.21
N LYS A 165 -18.48 -7.08 -13.14
CA LYS A 165 -19.37 -5.95 -12.89
C LYS A 165 -20.28 -6.25 -11.70
N LEU A 166 -20.75 -7.50 -11.60
CA LEU A 166 -21.57 -7.91 -10.47
C LEU A 166 -20.77 -7.96 -9.18
N TYR A 167 -19.53 -8.45 -9.24
CA TYR A 167 -18.70 -8.41 -8.05
C TYR A 167 -18.46 -6.97 -7.58
N ASN A 168 -18.20 -6.04 -8.51
CA ASN A 168 -18.00 -4.66 -8.11
C ASN A 168 -19.28 -4.05 -7.56
N TYR A 169 -20.43 -4.50 -8.08
CA TYR A 169 -21.72 -4.02 -7.60
C TYR A 169 -22.01 -4.51 -6.18
N SER A 170 -21.72 -5.77 -5.89
CA SER A 170 -21.94 -6.30 -4.54
C SER A 170 -20.99 -7.45 -4.28
N LYS A 171 -20.18 -7.34 -3.22
CA LYS A 171 -19.35 -8.44 -2.74
C LYS A 171 -20.14 -9.59 -2.13
N LYS A 172 -21.44 -9.38 -1.85
CA LYS A 172 -22.21 -10.38 -1.10
C LYS A 172 -22.50 -11.62 -1.91
N TYR A 173 -22.52 -11.53 -3.24
CA TYR A 173 -22.71 -12.72 -4.06
C TYR A 173 -21.58 -13.72 -3.80
N ASP A 174 -21.96 -14.97 -3.58
CA ASP A 174 -21.00 -16.04 -3.39
C ASP A 174 -21.57 -17.32 -3.95
N LEU A 175 -20.73 -18.08 -4.65
CA LEU A 175 -21.23 -19.17 -5.46
C LEU A 175 -20.07 -20.05 -5.88
N ASP A 176 -20.35 -21.34 -6.07
CA ASP A 176 -19.28 -22.19 -6.56
C ASP A 176 -19.07 -21.97 -8.04
N LEU A 177 -17.82 -22.02 -8.47
CA LEU A 177 -17.44 -21.80 -9.87
C LEU A 177 -16.72 -23.03 -10.36
N ASN A 178 -17.07 -23.49 -11.56
CA ASN A 178 -16.44 -24.72 -12.02
C ASN A 178 -15.09 -24.41 -12.65
N THR A 179 -14.39 -25.49 -13.03
CA THR A 179 -13.00 -25.39 -13.48
C THR A 179 -12.89 -24.50 -14.71
N SER A 180 -13.82 -24.65 -15.65
CA SER A 180 -13.78 -23.87 -16.88
C SER A 180 -13.92 -22.38 -16.61
N LEU A 181 -14.86 -22.01 -15.73
CA LEU A 181 -15.10 -20.60 -15.41
C LEU A 181 -13.92 -19.97 -14.69
N VAL A 182 -13.41 -20.61 -13.62
CA VAL A 182 -12.38 -19.96 -12.82
C VAL A 182 -11.10 -19.76 -13.63
N ASN A 183 -10.83 -20.64 -14.59
CA ASN A 183 -9.65 -20.51 -15.43
C ASN A 183 -9.80 -19.42 -16.47
N LYS A 184 -11.03 -18.91 -16.68
CA LYS A 184 -11.24 -17.73 -17.51
C LYS A 184 -11.15 -16.42 -16.73
N LEU A 185 -11.36 -16.46 -15.41
CA LEU A 185 -11.31 -15.21 -14.64
C LEU A 185 -9.96 -14.50 -14.69
N PRO A 186 -8.80 -15.17 -14.63
CA PRO A 186 -7.53 -14.43 -14.54
C PRO A 186 -7.22 -13.60 -15.78
N ASN A 187 -7.87 -13.82 -16.92
CA ASN A 187 -7.59 -13.00 -18.09
C ASN A 187 -8.16 -11.59 -17.97
N HIS A 188 -8.90 -11.29 -16.93
CA HIS A 188 -9.57 -10.01 -16.76
C HIS A 188 -8.74 -9.11 -15.84
N ILE A 189 -8.74 -7.80 -16.10
CA ILE A 189 -7.91 -6.88 -15.31
C ILE A 189 -8.34 -6.88 -13.85
N GLY A 190 -9.62 -7.15 -13.57
CA GLY A 190 -10.06 -7.12 -12.19
C GLY A 190 -9.67 -8.32 -11.36
N PHE A 191 -9.09 -9.37 -11.97
CA PHE A 191 -8.91 -10.61 -11.23
C PHE A 191 -7.94 -10.45 -10.05
N LYS A 192 -6.82 -9.75 -10.26
CA LYS A 192 -5.80 -9.67 -9.22
C LYS A 192 -6.36 -9.08 -7.92
N ASP A 193 -7.10 -7.97 -8.03
CA ASP A 193 -7.66 -7.33 -6.83
C ASP A 193 -8.80 -8.16 -6.25
N PHE A 194 -9.66 -8.71 -7.11
CA PHE A 194 -10.66 -9.68 -6.69
C PHE A 194 -10.03 -10.78 -5.83
N ALA A 195 -9.01 -11.46 -6.35
CA ALA A 195 -8.48 -12.59 -5.59
C ALA A 195 -7.81 -12.13 -4.31
N GLN A 196 -7.01 -11.07 -4.39
CA GLN A 196 -6.35 -10.57 -3.20
C GLN A 196 -7.38 -10.26 -2.12
N ASN A 197 -8.44 -9.57 -2.50
CA ASN A 197 -9.41 -9.09 -1.52
C ASN A 197 -10.11 -10.23 -0.83
N ILE A 198 -10.68 -11.17 -1.60
CA ILE A 198 -11.43 -12.22 -0.92
C ILE A 198 -10.50 -13.15 -0.13
N ILE A 199 -9.23 -13.27 -0.53
CA ILE A 199 -8.33 -14.14 0.23
C ILE A 199 -7.85 -13.47 1.53
N ILE A 200 -7.39 -12.21 1.46
CA ILE A 200 -6.85 -11.64 2.70
C ILE A 200 -7.94 -11.11 3.63
N LYS A 201 -9.19 -11.01 3.17
CA LYS A 201 -10.30 -10.68 4.04
C LYS A 201 -11.07 -11.93 4.49
N LYS A 202 -10.74 -13.10 3.96
CA LYS A 202 -11.40 -14.36 4.29
C LYS A 202 -12.91 -14.27 4.05
N GLU A 203 -13.27 -13.79 2.86
CA GLU A 203 -14.65 -13.62 2.44
C GLU A 203 -14.92 -14.49 1.21
N ASN A 204 -16.20 -14.60 0.87
CA ASN A 204 -16.64 -15.34 -0.30
C ASN A 204 -16.00 -16.74 -0.33
N PRO A 205 -16.28 -17.57 0.69
CA PRO A 205 -15.66 -18.90 0.74
C PRO A 205 -15.93 -19.77 -0.47
N LYS A 206 -17.07 -19.64 -1.11
CA LYS A 206 -17.31 -20.47 -2.29
C LYS A 206 -16.44 -20.01 -3.46
N PHE A 207 -16.21 -18.69 -3.59
CA PHE A 207 -15.23 -18.22 -4.56
C PHE A 207 -13.84 -18.75 -4.22
N ARG A 208 -13.42 -18.63 -2.95
CA ARG A 208 -12.07 -19.03 -2.58
C ARG A 208 -11.84 -20.51 -2.83
N HIS A 209 -12.80 -21.34 -2.43
CA HIS A 209 -12.66 -22.78 -2.64
C HIS A 209 -12.56 -23.12 -4.12
N SER A 210 -13.31 -22.39 -4.95
CA SER A 210 -13.32 -22.65 -6.38
C SER A 210 -11.98 -22.30 -7.03
N MET A 211 -11.23 -21.36 -6.47
CA MET A 211 -9.97 -20.97 -7.09
C MET A 211 -8.84 -21.96 -6.83
N LEU A 212 -9.10 -23.03 -6.08
CA LEU A 212 -8.16 -24.15 -6.05
C LEU A 212 -8.01 -24.81 -7.41
N GLU A 213 -8.96 -24.61 -8.31
CA GLU A 213 -8.94 -25.29 -9.59
C GLU A 213 -8.33 -24.42 -10.68
N ILE A 214 -7.82 -23.25 -10.33
CA ILE A 214 -7.16 -22.45 -11.35
C ILE A 214 -5.85 -23.13 -11.69
N ASN A 215 -5.63 -23.37 -12.98
CA ASN A 215 -4.37 -23.95 -13.45
C ASN A 215 -3.26 -22.92 -13.24
N PRO A 216 -2.14 -23.30 -12.62
CA PRO A 216 -1.05 -22.32 -12.45
C PRO A 216 -0.54 -21.73 -13.76
N GLU A 217 -0.63 -22.48 -14.87
CA GLU A 217 -0.24 -21.89 -16.16
C GLU A 217 -1.04 -20.66 -16.52
N ASN A 218 -2.23 -20.46 -15.94
CA ASN A 218 -3.10 -19.37 -16.36
C ASN A 218 -2.94 -18.10 -15.54
N VAL A 219 -2.11 -18.13 -14.48
CA VAL A 219 -1.89 -16.96 -13.64
C VAL A 219 -0.40 -16.68 -13.54
N SER A 220 -0.08 -15.50 -13.01
CA SER A 220 1.31 -15.12 -12.82
C SER A 220 1.42 -14.04 -11.75
N GLU A 221 2.63 -13.84 -11.24
CA GLU A 221 2.99 -12.67 -10.43
C GLU A 221 2.12 -12.68 -9.16
N ASP A 222 1.54 -11.54 -8.76
CA ASP A 222 0.79 -11.46 -7.51
C ASP A 222 -0.40 -12.41 -7.51
N SER A 223 -1.11 -12.51 -8.64
CA SER A 223 -2.24 -13.43 -8.70
C SER A 223 -1.82 -14.84 -8.37
N ALA A 224 -0.73 -15.32 -8.97
CA ALA A 224 -0.25 -16.65 -8.64
C ALA A 224 0.15 -16.76 -7.17
N PHE A 225 0.79 -15.72 -6.64
CA PHE A 225 1.23 -15.78 -5.24
C PHE A 225 0.02 -15.88 -4.30
N TYR A 226 -0.99 -15.06 -4.53
CA TYR A 226 -2.17 -15.07 -3.66
C TYR A 226 -2.92 -16.40 -3.78
N LEU A 227 -2.96 -16.98 -4.98
CA LEU A 227 -3.56 -18.30 -5.14
C LEU A 227 -2.75 -19.37 -4.43
N GLY A 228 -1.44 -19.14 -4.24
CA GLY A 228 -0.68 -20.06 -3.40
C GLY A 228 -1.07 -19.92 -1.94
N VAL A 229 -1.21 -18.67 -1.47
CA VAL A 229 -1.70 -18.46 -0.11
C VAL A 229 -3.06 -19.09 0.08
N ASN A 230 -3.95 -18.92 -0.90
CA ASN A 230 -5.29 -19.54 -0.83
C ASN A 230 -5.16 -21.05 -0.70
N ALA A 231 -4.35 -21.67 -1.55
CA ALA A 231 -4.20 -23.11 -1.50
C ALA A 231 -3.72 -23.57 -0.13
N LEU A 232 -2.84 -22.79 0.51
CA LEU A 232 -2.36 -23.19 1.83
C LEU A 232 -3.45 -23.14 2.89
N THR A 233 -4.39 -22.18 2.78
CA THR A 233 -5.45 -22.11 3.79
C THR A 233 -6.34 -23.34 3.76
N TYR A 234 -6.38 -24.06 2.64
CA TYR A 234 -7.14 -25.30 2.51
C TYR A 234 -6.28 -26.55 2.63
N ASP A 235 -5.01 -26.39 3.02
CA ASP A 235 -4.04 -27.48 3.13
C ASP A 235 -3.85 -28.24 1.82
N LYS A 236 -3.90 -27.54 0.69
CA LYS A 236 -3.53 -28.10 -0.60
C LYS A 236 -2.09 -27.70 -0.93
N THR A 237 -1.15 -28.33 -0.21
CA THR A 237 0.24 -27.89 -0.27
C THR A 237 0.85 -28.13 -1.64
N GLU A 238 0.43 -29.20 -2.33
CA GLU A 238 0.97 -29.46 -3.67
C GLU A 238 0.49 -28.42 -4.68
N LEU A 239 -0.77 -28.01 -4.59
CA LEU A 239 -1.27 -26.92 -5.43
C LEU A 239 -0.61 -25.60 -5.02
N ALA A 240 -0.41 -25.38 -3.73
CA ALA A 240 0.25 -24.17 -3.27
C ALA A 240 1.66 -24.07 -3.85
N TYR A 241 2.44 -25.15 -3.73
CA TYR A 241 3.79 -25.15 -4.30
C TYR A 241 3.77 -24.73 -5.76
N ASP A 242 2.85 -25.29 -6.54
CA ASP A 242 2.81 -24.98 -7.98
C ASP A 242 2.51 -23.50 -8.21
N PHE A 243 1.64 -22.91 -7.38
CA PHE A 243 1.32 -21.50 -7.58
C PHE A 243 2.52 -20.63 -7.22
N PHE A 244 3.19 -20.95 -6.12
CA PHE A 244 4.33 -20.17 -5.68
C PHE A 244 5.50 -20.29 -6.65
N LYS A 245 5.70 -21.49 -7.21
CA LYS A 245 6.74 -21.65 -8.25
C LYS A 245 6.44 -20.78 -9.46
N LYS A 246 5.17 -20.75 -9.90
CA LYS A 246 4.83 -19.89 -11.02
C LYS A 246 5.02 -18.42 -10.68
N ALA A 247 4.68 -18.03 -9.44
CA ALA A 247 4.94 -16.65 -9.01
C ALA A 247 6.44 -16.34 -9.00
N ALA A 248 7.25 -17.28 -8.47
CA ALA A 248 8.69 -17.10 -8.44
C ALA A 248 9.25 -16.88 -9.83
N GLN A 249 8.78 -17.65 -10.80
CA GLN A 249 9.29 -17.55 -12.16
C GLN A 249 8.79 -16.32 -12.89
N SER A 250 7.80 -15.60 -12.36
CA SER A 250 7.21 -14.52 -13.12
C SER A 250 7.35 -13.17 -12.46
N PHE A 251 7.57 -13.11 -11.15
CA PHE A 251 7.65 -11.84 -10.44
C PHE A 251 8.72 -10.94 -11.06
N LYS A 252 8.40 -9.64 -11.17
CA LYS A 252 9.40 -8.70 -11.65
C LYS A 252 10.43 -8.35 -10.57
N SER A 253 10.01 -8.12 -9.32
CA SER A 253 10.94 -7.67 -8.30
C SER A 253 11.54 -8.85 -7.52
N GLN A 254 12.84 -8.71 -7.21
CA GLN A 254 13.56 -9.80 -6.57
C GLN A 254 13.00 -10.05 -5.16
N SER A 255 12.53 -9.00 -4.51
CA SER A 255 11.96 -9.15 -3.17
C SER A 255 10.75 -10.07 -3.19
N ASN A 256 9.85 -9.87 -4.14
CA ASN A 256 8.67 -10.73 -4.24
C ASN A 256 9.06 -12.15 -4.62
N LYS A 257 9.94 -12.28 -5.61
CA LYS A 257 10.46 -13.59 -6.00
C LYS A 257 11.00 -14.34 -4.77
N ASP A 258 11.76 -13.65 -3.93
CA ASP A 258 12.27 -14.25 -2.70
C ASP A 258 11.13 -14.75 -1.79
N ASN A 259 10.12 -13.91 -1.61
CA ASN A 259 8.91 -14.31 -0.87
C ASN A 259 8.34 -15.62 -1.42
N ALA A 260 8.24 -15.72 -2.75
CA ALA A 260 7.68 -16.92 -3.38
C ALA A 260 8.60 -18.13 -3.23
N ILE A 261 9.93 -17.93 -3.32
CA ILE A 261 10.86 -19.05 -3.16
C ILE A 261 10.85 -19.54 -1.73
N PHE A 262 10.72 -18.62 -0.77
CA PHE A 262 10.59 -19.04 0.63
C PHE A 262 9.43 -20.00 0.82
N TRP A 263 8.29 -19.71 0.22
CA TRP A 263 7.15 -20.63 0.37
C TRP A 263 7.42 -21.96 -0.33
N MET A 264 8.04 -21.94 -1.52
CA MET A 264 8.42 -23.20 -2.16
C MET A 264 9.26 -24.04 -1.23
N TRP A 265 10.23 -23.43 -0.54
CA TRP A 265 11.08 -24.21 0.35
C TRP A 265 10.31 -24.70 1.57
N LEU A 266 9.54 -23.83 2.21
CA LEU A 266 8.74 -24.21 3.36
C LEU A 266 7.80 -25.38 3.08
N ILE A 267 7.33 -25.53 1.84
CA ILE A 267 6.36 -26.59 1.54
C ILE A 267 7.06 -27.91 1.21
N LYS A 268 8.15 -27.85 0.44
CA LYS A 268 8.81 -29.05 -0.06
C LYS A 268 10.24 -29.25 0.43
N ASN A 269 10.83 -28.29 1.15
CA ASN A 269 12.20 -28.36 1.62
C ASN A 269 13.20 -28.84 0.58
N ASN A 270 13.09 -28.37 -0.65
CA ASN A 270 14.15 -28.61 -1.63
C ASN A 270 15.28 -27.63 -1.34
N GLU A 271 16.44 -28.17 -0.97
CA GLU A 271 17.50 -27.29 -0.50
C GLU A 271 18.13 -26.45 -1.61
N GLU A 272 17.84 -26.73 -2.88
CA GLU A 272 18.31 -25.81 -3.91
C GLU A 272 17.51 -24.52 -3.90
N ASP A 273 16.23 -24.58 -3.46
CA ASP A 273 15.43 -23.37 -3.32
C ASP A 273 15.95 -22.51 -2.18
N LEU A 274 16.21 -23.13 -1.02
CA LEU A 274 16.77 -22.37 0.09
C LEU A 274 18.12 -21.77 -0.29
N LYS A 275 18.91 -22.50 -1.08
CA LYS A 275 20.21 -21.99 -1.48
C LYS A 275 20.06 -20.76 -2.36
N THR A 276 19.23 -20.85 -3.41
CA THR A 276 18.90 -19.67 -4.22
C THR A 276 18.44 -18.50 -3.35
N LEU A 277 17.56 -18.78 -2.38
CA LEU A 277 17.04 -17.69 -1.55
C LEU A 277 18.16 -17.06 -0.73
N SER A 278 19.11 -17.87 -0.25
CA SER A 278 20.18 -17.29 0.57
C SER A 278 21.17 -16.47 -0.25
N GLN A 279 21.21 -16.67 -1.57
CA GLN A 279 22.16 -15.95 -2.43
C GLN A 279 21.52 -14.74 -3.11
N SER A 280 20.31 -14.35 -2.70
CA SER A 280 19.58 -13.33 -3.42
C SER A 280 20.22 -11.97 -3.21
N SER A 281 20.09 -11.11 -4.22
CA SER A 281 20.56 -9.73 -4.11
C SER A 281 19.63 -8.85 -3.29
N SER A 282 18.37 -9.23 -3.17
CA SER A 282 17.42 -8.46 -2.38
C SER A 282 17.60 -8.73 -0.90
N LEU A 283 17.66 -7.65 -0.11
CA LEU A 283 17.71 -7.74 1.34
C LEU A 283 16.28 -7.68 1.88
N ASN A 284 15.77 -8.82 2.32
CA ASN A 284 14.44 -8.88 2.89
C ASN A 284 14.46 -9.97 3.94
N ILE A 285 13.35 -10.07 4.69
CA ILE A 285 13.31 -11.03 5.78
C ILE A 285 13.48 -12.45 5.27
N TYR A 286 13.08 -12.73 4.02
CA TYR A 286 13.18 -14.11 3.54
C TYR A 286 14.62 -14.46 3.20
N SER A 287 15.32 -13.57 2.50
CA SER A 287 16.72 -13.81 2.22
C SER A 287 17.56 -13.73 3.49
N LEU A 288 17.22 -12.85 4.43
CA LEU A 288 17.97 -12.83 5.69
C LEU A 288 17.80 -14.15 6.44
N TYR A 289 16.57 -14.65 6.50
CA TYR A 289 16.31 -15.91 7.19
C TYR A 289 17.07 -17.05 6.53
N ALA A 290 17.04 -17.10 5.19
CA ALA A 290 17.74 -18.17 4.49
C ALA A 290 19.23 -18.11 4.75
N LYS A 291 19.80 -16.90 4.79
CA LYS A 291 21.22 -16.74 5.09
C LYS A 291 21.55 -17.27 6.48
N GLU A 292 20.66 -17.00 7.43
CA GLU A 292 20.85 -17.49 8.78
C GLU A 292 20.72 -19.01 8.86
N LEU A 293 19.82 -19.60 8.08
CA LEU A 293 19.62 -21.05 8.14
C LEU A 293 20.78 -21.83 7.52
N THR A 294 21.57 -21.20 6.64
CA THR A 294 22.63 -21.86 5.90
C THR A 294 24.02 -21.38 6.32
N ASN A 295 24.13 -20.75 7.49
CA ASN A 295 25.41 -20.21 7.95
C ASN A 295 26.06 -19.34 6.88
N THR A 296 25.24 -18.68 6.04
CA THR A 296 25.71 -17.72 5.06
C THR A 296 25.95 -16.37 5.73
N PRO A 297 27.07 -15.69 5.46
CA PRO A 297 27.36 -14.44 6.17
C PRO A 297 26.38 -13.32 5.86
N PHE A 298 26.20 -12.44 6.85
CA PHE A 298 25.33 -11.29 6.72
C PHE A 298 25.70 -10.45 5.50
N PRO A 299 24.72 -9.94 4.76
CA PRO A 299 25.03 -9.17 3.55
C PRO A 299 25.80 -7.89 3.87
N LYS A 300 26.55 -7.43 2.86
CA LYS A 300 27.36 -6.24 2.99
C LYS A 300 26.48 -4.99 3.02
N ILE A 301 26.66 -4.17 4.05
CA ILE A 301 25.97 -2.90 4.18
C ILE A 301 26.93 -1.77 3.82
N GLU A 302 26.54 -0.93 2.87
CA GLU A 302 27.35 0.21 2.47
C GLU A 302 27.67 1.11 3.66
N SER A 303 28.79 1.83 3.54
CA SER A 303 29.24 2.76 4.56
C SER A 303 29.40 4.13 3.94
N LEU A 304 28.70 5.12 4.49
CA LEU A 304 28.59 6.45 3.93
C LEU A 304 29.13 7.43 4.95
N ASN A 305 30.36 7.90 4.76
CA ASN A 305 30.96 8.89 5.65
C ASN A 305 31.46 10.05 4.80
N PRO A 306 30.58 10.99 4.44
CA PRO A 306 31.00 12.14 3.62
C PRO A 306 31.97 13.03 4.38
N SER A 307 33.10 13.37 3.74
CA SER A 307 34.07 14.22 4.41
C SER A 307 33.57 15.66 4.53
N LYS A 308 33.00 16.22 3.46
CA LYS A 308 32.37 17.54 3.53
C LYS A 308 31.34 17.57 4.64
N LYS A 309 31.11 18.75 5.21
CA LYS A 309 30.25 18.88 6.37
C LYS A 309 28.92 19.57 6.08
N LYS A 310 28.88 20.53 5.16
CA LYS A 310 27.69 21.35 4.97
C LYS A 310 27.64 21.79 3.51
N ASN A 311 26.45 22.17 3.06
CA ASN A 311 26.33 22.90 1.80
C ASN A 311 25.17 23.90 1.93
N ASN A 312 24.71 24.41 0.79
CA ASN A 312 23.71 25.47 0.78
C ASN A 312 22.31 24.97 1.11
N PHE A 313 22.04 23.68 0.87
CA PHE A 313 20.67 23.20 0.93
C PHE A 313 20.13 23.30 2.35
N ASN A 314 18.86 23.70 2.45
CA ASN A 314 18.15 23.86 3.73
C ASN A 314 17.28 22.62 3.95
N MET A 315 17.75 21.73 4.83
CA MET A 315 17.04 20.51 5.18
C MET A 315 15.74 20.76 5.94
N GLN A 316 15.39 22.01 6.24
CA GLN A 316 14.11 22.28 6.90
C GLN A 316 13.11 22.99 6.02
N ASP A 317 13.45 23.22 4.74
CA ASP A 317 12.50 23.82 3.80
C ASP A 317 11.77 22.70 3.06
N PRO A 318 10.50 22.46 3.33
CA PRO A 318 9.81 21.36 2.65
C PRO A 318 9.59 21.61 1.17
N PHE A 319 9.64 22.88 0.72
CA PHE A 319 9.50 23.17 -0.69
C PHE A 319 10.77 22.85 -1.46
N ALA A 320 11.93 23.05 -0.85
CA ALA A 320 13.19 22.68 -1.46
C ALA A 320 13.27 21.17 -1.64
N TRP A 321 12.76 20.40 -0.68
CA TRP A 321 12.78 18.96 -0.83
C TRP A 321 11.93 18.52 -2.02
N GLN A 322 10.70 19.04 -2.12
CA GLN A 322 9.83 18.70 -3.25
C GLN A 322 10.52 19.00 -4.57
N LYS A 323 11.11 20.20 -4.66
CA LYS A 323 11.93 20.60 -5.81
C LYS A 323 12.99 19.56 -6.15
N ILE A 324 13.91 19.31 -5.22
CA ILE A 324 15.03 18.43 -5.50
C ILE A 324 14.56 16.99 -5.70
N ASN A 325 13.46 16.59 -5.05
CA ASN A 325 12.98 15.23 -5.22
C ASN A 325 12.43 15.02 -6.62
N LYS A 326 11.84 16.06 -7.22
CA LYS A 326 11.40 15.96 -8.60
C LYS A 326 12.60 15.78 -9.53
N GLN A 327 13.63 16.61 -9.36
CA GLN A 327 14.88 16.47 -10.13
C GLN A 327 15.44 15.06 -10.03
N ILE A 328 15.64 14.57 -8.81
CA ILE A 328 16.29 13.28 -8.63
C ILE A 328 15.51 12.17 -9.32
N ARG A 329 14.19 12.15 -9.15
CA ARG A 329 13.40 11.10 -9.80
C ARG A 329 13.36 11.24 -11.33
N ASP A 330 13.81 12.36 -11.89
CA ASP A 330 13.80 12.61 -13.32
C ASP A 330 15.21 12.85 -13.85
N ALA A 331 16.16 12.04 -13.44
CA ALA A 331 17.54 12.20 -13.87
C ALA A 331 18.03 10.93 -14.56
N ASN A 332 18.94 11.13 -15.51
CA ASN A 332 19.46 10.05 -16.34
C ASN A 332 20.59 9.32 -15.63
N ALA A 333 21.78 9.94 -15.63
CA ALA A 333 22.97 9.50 -14.92
C ALA A 333 23.90 10.70 -14.78
N SER A 334 24.12 11.41 -15.89
CA SER A 334 24.88 12.65 -15.82
C SER A 334 24.31 13.61 -14.77
N GLN A 335 22.98 13.70 -14.70
CA GLN A 335 22.38 14.53 -13.66
C GLN A 335 22.48 13.87 -12.30
N LEU A 336 22.32 12.54 -12.24
CA LEU A 336 22.46 11.86 -10.95
C LEU A 336 23.85 12.07 -10.36
N ASP A 337 24.89 12.02 -11.21
CA ASP A 337 26.25 12.14 -10.72
C ASP A 337 26.55 13.53 -10.18
N VAL A 338 26.06 14.58 -10.85
CA VAL A 338 26.31 15.91 -10.32
C VAL A 338 25.51 16.12 -9.04
N LEU A 339 24.32 15.52 -8.95
CA LEU A 339 23.53 15.64 -7.72
C LEU A 339 24.23 14.91 -6.57
N ALA A 340 24.67 13.68 -6.81
CA ALA A 340 25.40 12.92 -5.81
C ALA A 340 26.57 13.71 -5.23
N LYS A 341 27.38 14.30 -6.11
CA LYS A 341 28.52 15.09 -5.64
C LYS A 341 28.07 16.29 -4.82
N GLU A 342 26.97 16.94 -5.23
CA GLU A 342 26.59 18.18 -4.55
C GLU A 342 26.06 17.90 -3.15
N PHE A 343 25.34 16.79 -2.97
CA PHE A 343 24.74 16.47 -1.67
C PHE A 343 25.60 15.49 -0.86
N ASP A 344 26.88 15.34 -1.22
CA ASP A 344 27.83 14.49 -0.50
C ASP A 344 28.40 15.23 0.72
N THR A 345 27.50 15.57 1.65
CA THR A 345 27.85 16.24 2.90
C THR A 345 27.18 15.57 4.08
N GLN A 346 27.72 15.82 5.27
CA GLN A 346 27.08 15.32 6.49
C GLN A 346 25.68 15.85 6.62
N GLU A 347 25.50 17.14 6.31
CA GLU A 347 24.20 17.79 6.48
C GLU A 347 23.12 17.18 5.61
N THR A 348 23.45 16.82 4.37
CA THR A 348 22.48 16.28 3.43
C THR A 348 22.69 14.79 3.24
N LEU A 349 23.24 14.12 4.24
CA LEU A 349 23.38 12.66 4.20
C LEU A 349 22.10 11.95 3.77
N PRO A 350 20.91 12.28 4.32
CA PRO A 350 19.68 11.60 3.84
C PRO A 350 19.43 11.77 2.34
N ILE A 351 19.69 12.95 1.79
CA ILE A 351 19.52 13.12 0.34
C ILE A 351 20.62 12.40 -0.41
N TYR A 352 21.84 12.40 0.12
CA TYR A 352 22.95 11.66 -0.50
C TYR A 352 22.58 10.18 -0.66
N ALA A 353 22.12 9.55 0.41
CA ALA A 353 21.77 8.13 0.35
C ALA A 353 20.54 7.89 -0.51
N TYR A 354 19.65 8.88 -0.58
CA TYR A 354 18.50 8.77 -1.47
C TYR A 354 18.95 8.73 -2.92
N ILE A 355 19.83 9.65 -3.30
CA ILE A 355 20.37 9.66 -4.64
C ILE A 355 21.14 8.38 -4.91
N LEU A 356 22.05 8.01 -4.02
CA LEU A 356 22.89 6.83 -4.24
C LEU A 356 22.04 5.57 -4.44
N GLU A 357 20.92 5.47 -3.73
CA GLU A 357 20.06 4.31 -3.90
C GLU A 357 19.49 4.25 -5.31
N ARG A 358 19.11 5.39 -5.87
CA ARG A 358 18.60 5.45 -7.24
C ARG A 358 19.73 5.32 -8.26
N LYS A 359 20.88 5.93 -7.97
CA LYS A 359 22.00 5.92 -8.90
C LYS A 359 22.47 4.49 -9.16
N ASN A 360 22.61 3.71 -8.09
CA ASN A 360 23.02 2.33 -8.20
C ASN A 360 21.88 1.38 -8.49
N ASN A 361 20.81 1.88 -9.11
CA ASN A 361 19.66 1.08 -9.52
C ASN A 361 19.27 0.05 -8.47
N PHE A 362 19.33 0.47 -7.20
CA PHE A 362 18.79 -0.23 -6.05
C PHE A 362 19.55 -1.52 -5.71
N LYS A 363 20.77 -1.71 -6.26
CA LYS A 363 21.52 -2.93 -6.01
C LYS A 363 22.37 -2.89 -4.74
N LYS A 364 22.61 -1.72 -4.15
CA LYS A 364 23.39 -1.58 -2.94
C LYS A 364 22.49 -1.26 -1.75
N HIS A 365 22.93 -1.64 -0.55
CA HIS A 365 22.13 -1.58 0.68
C HIS A 365 22.58 -0.42 1.58
N TYR A 366 21.78 0.65 1.65
CA TYR A 366 22.12 1.86 2.41
C TYR A 366 21.26 1.97 3.67
N PHE A 367 21.93 2.01 4.83
CA PHE A 367 21.28 1.99 6.14
C PHE A 367 21.97 3.06 6.99
N ILE A 368 21.67 4.32 6.68
CA ILE A 368 22.29 5.44 7.37
C ILE A 368 21.65 5.65 8.74
N MET A 369 22.35 6.38 9.61
CA MET A 369 21.88 6.72 10.95
C MET A 369 22.08 8.22 11.15
N PRO A 370 21.26 9.04 10.52
CA PRO A 370 21.44 10.49 10.62
C PRO A 370 20.86 11.06 11.91
N TYR A 371 21.40 12.22 12.29
CA TYR A 371 20.96 12.93 13.50
C TYR A 371 21.08 12.01 14.72
N TYR A 372 22.19 11.28 14.76
CA TYR A 372 22.34 10.14 15.68
C TYR A 372 22.38 10.58 17.14
N ASP A 373 22.89 11.78 17.41
CA ASP A 373 22.95 12.28 18.79
C ASP A 373 21.61 12.19 19.49
N ASN A 374 20.52 12.35 18.75
CA ASN A 374 19.19 12.33 19.34
C ASN A 374 18.75 10.95 19.80
N ILE A 375 19.47 9.88 19.45
CA ILE A 375 19.00 8.57 19.90
C ILE A 375 20.12 7.77 20.56
N LYS A 376 21.36 8.28 20.49
CA LYS A 376 22.51 7.49 20.95
C LYS A 376 22.37 7.04 22.39
N ASP A 377 21.48 7.65 23.17
CA ASP A 377 21.33 7.29 24.58
C ASP A 377 20.17 6.33 24.84
N TYR A 378 19.41 5.94 23.83
CA TYR A 378 18.44 4.87 24.03
C TYR A 378 19.15 3.52 23.97
N ASN A 379 18.52 2.49 24.52
CA ASN A 379 19.15 1.18 24.40
C ASN A 379 19.13 0.75 22.93
N LYS A 380 20.12 -0.08 22.57
CA LYS A 380 20.39 -0.31 21.16
C LYS A 380 19.21 -0.96 20.45
N THR A 381 18.40 -1.74 21.17
CA THR A 381 17.24 -2.35 20.55
C THR A 381 16.23 -1.29 20.14
N ARG A 382 15.99 -0.32 21.02
CA ARG A 382 15.07 0.77 20.70
C ARG A 382 15.61 1.63 19.55
N GLN A 383 16.91 1.91 19.55
CA GLN A 383 17.50 2.66 18.44
C GLN A 383 17.24 1.97 17.12
N ALA A 384 17.36 0.64 17.10
CA ALA A 384 17.18 -0.09 15.86
C ALA A 384 15.75 0.00 15.38
N LEU A 385 14.78 -0.11 16.29
CA LEU A 385 13.37 0.00 15.93
C LEU A 385 13.05 1.40 15.40
N ILE A 386 13.58 2.43 16.04
CA ILE A 386 13.39 3.80 15.57
C ILE A 386 13.98 3.97 14.19
N LEU A 387 15.22 3.52 14.00
CA LEU A 387 15.88 3.68 12.72
C LEU A 387 15.16 2.87 11.65
N ALA A 388 14.65 1.70 12.02
CA ALA A 388 13.98 0.85 11.04
C ALA A 388 12.70 1.50 10.55
N ILE A 389 11.92 2.08 11.47
CA ILE A 389 10.72 2.82 11.11
C ILE A 389 11.07 4.03 10.24
N ALA A 390 12.03 4.84 10.68
CA ALA A 390 12.35 6.04 9.93
C ALA A 390 12.80 5.70 8.52
N ARG A 391 13.60 4.65 8.36
CA ARG A 391 14.08 4.27 7.04
C ARG A 391 12.91 3.94 6.12
N GLN A 392 11.98 3.11 6.59
CA GLN A 392 10.81 2.78 5.79
C GLN A 392 9.88 3.99 5.59
N GLU A 393 9.71 4.83 6.62
CA GLU A 393 8.69 5.88 6.52
C GLU A 393 9.12 7.01 5.58
N SER A 394 10.37 7.42 5.64
CA SER A 394 10.77 8.64 4.95
C SER A 394 12.14 8.58 4.30
N ARG A 395 12.88 7.47 4.44
CA ARG A 395 14.29 7.47 4.07
C ARG A 395 15.04 8.59 4.78
N PHE A 396 14.58 8.96 5.97
CA PHE A 396 15.21 9.97 6.81
C PHE A 396 15.15 11.39 6.22
N ILE A 397 14.20 11.67 5.33
CA ILE A 397 14.05 13.02 4.80
C ILE A 397 13.30 13.84 5.84
N PRO A 398 13.89 14.91 6.39
CA PRO A 398 13.26 15.60 7.52
C PRO A 398 11.94 16.27 7.17
N THR A 399 11.76 16.76 5.94
CA THR A 399 10.53 17.43 5.54
C THR A 399 9.64 16.54 4.69
N ALA A 400 9.72 15.22 4.86
CA ALA A 400 8.89 14.31 4.09
C ALA A 400 7.42 14.56 4.38
N ILE A 401 6.61 14.52 3.32
CA ILE A 401 5.16 14.69 3.43
C ILE A 401 4.49 13.62 2.58
N SER A 402 3.64 12.82 3.19
CA SER A 402 2.91 11.76 2.49
C SER A 402 1.62 12.29 1.87
N VAL A 403 0.92 11.42 1.14
CA VAL A 403 -0.29 11.86 0.46
C VAL A 403 -1.43 12.10 1.43
N SER A 404 -1.36 11.58 2.65
CA SER A 404 -2.34 11.94 3.67
C SER A 404 -1.76 12.95 4.67
N TYR A 405 -0.62 13.55 4.32
CA TYR A 405 0.02 14.61 5.07
C TYR A 405 0.60 14.14 6.40
N ALA A 406 1.07 12.89 6.45
CA ALA A 406 1.99 12.50 7.52
C ALA A 406 3.30 13.26 7.33
N LEU A 407 3.95 13.62 8.45
CA LEU A 407 4.98 14.65 8.46
C LEU A 407 6.30 14.17 9.05
N GLY A 408 7.40 14.56 8.40
CA GLY A 408 8.73 14.41 8.95
C GLY A 408 9.30 13.00 8.82
N MET A 409 10.50 12.84 9.41
CA MET A 409 11.24 11.58 9.31
C MET A 409 10.43 10.39 9.80
N MET A 410 9.64 10.57 10.85
CA MET A 410 8.88 9.48 11.44
C MET A 410 7.46 9.45 10.92
N GLN A 411 7.10 10.34 9.99
CA GLN A 411 5.82 10.33 9.29
C GLN A 411 4.63 10.23 10.26
N PHE A 412 4.56 11.22 11.16
CA PHE A 412 3.46 11.29 12.11
C PHE A 412 2.23 11.90 11.45
N MET A 413 1.09 11.25 11.61
CA MET A 413 -0.17 11.85 11.21
C MET A 413 -0.42 13.10 12.07
N PRO A 414 -0.91 14.20 11.49
CA PRO A 414 -0.99 15.46 12.26
C PRO A 414 -1.81 15.35 13.53
N PHE A 415 -2.90 14.60 13.52
CA PHE A 415 -3.67 14.47 14.74
C PHE A 415 -2.83 13.90 15.88
N LEU A 416 -2.23 12.72 15.66
CA LEU A 416 -1.44 12.09 16.69
C LEU A 416 -0.31 13.01 17.15
N ALA A 417 0.31 13.74 16.22
CA ALA A 417 1.40 14.61 16.60
C ALA A 417 0.92 15.79 17.45
N ASN A 418 -0.32 16.25 17.27
CA ASN A 418 -0.81 17.33 18.09
C ASN A 418 -1.23 16.84 19.47
N HIS A 419 -1.82 15.64 19.54
CA HIS A 419 -2.14 15.05 20.83
C HIS A 419 -0.87 14.92 21.68
N ILE A 420 0.19 14.34 21.12
CA ILE A 420 1.43 14.18 21.87
C ILE A 420 2.05 15.53 22.18
N GLY A 421 2.13 16.40 21.18
CA GLY A 421 2.84 17.66 21.35
C GLY A 421 2.17 18.63 22.32
N GLU A 422 0.82 18.66 22.34
CA GLU A 422 0.08 19.59 23.16
C GLU A 422 -0.49 18.97 24.44
N LYS A 423 -1.24 17.87 24.32
CA LYS A 423 -1.89 17.31 25.50
C LYS A 423 -0.95 16.45 26.36
N GLU A 424 0.03 15.75 25.77
CA GLU A 424 0.94 14.90 26.56
C GLU A 424 2.18 15.68 26.97
N LEU A 425 3.05 15.97 26.00
CA LEU A 425 4.34 16.59 26.26
C LEU A 425 4.26 18.08 26.54
N LYS A 426 3.11 18.72 26.26
CA LYS A 426 2.88 20.13 26.59
C LYS A 426 4.01 21.03 26.11
N ILE A 427 4.53 20.74 24.92
CA ILE A 427 5.67 21.50 24.41
C ILE A 427 5.26 22.95 24.21
N PRO A 428 6.00 23.92 24.74
CA PRO A 428 5.59 25.33 24.60
C PRO A 428 5.60 25.78 23.14
N ASN A 429 4.44 26.29 22.71
CA ASN A 429 4.26 26.85 21.35
C ASN A 429 4.38 25.76 20.29
N PHE A 430 3.81 24.59 20.57
CA PHE A 430 3.95 23.47 19.66
C PHE A 430 3.09 23.68 18.42
N ASP A 431 3.72 23.54 17.26
CA ASP A 431 3.01 23.37 15.99
C ASP A 431 3.34 22.00 15.41
N GLN A 432 2.41 21.46 14.61
CA GLN A 432 2.65 20.14 14.00
C GLN A 432 3.86 20.14 13.08
N ASP A 433 4.21 21.28 12.50
CA ASP A 433 5.42 21.39 11.68
C ASP A 433 6.70 21.12 12.46
N PHE A 434 6.63 21.02 13.80
CA PHE A 434 7.79 20.61 14.59
C PHE A 434 8.26 19.20 14.22
N MET A 435 7.33 18.36 13.72
CA MET A 435 7.69 17.02 13.24
C MET A 435 8.77 17.04 12.17
N PHE A 436 8.95 18.18 11.48
CA PHE A 436 10.02 18.30 10.48
C PHE A 436 11.40 18.40 11.13
N LYS A 437 11.48 18.57 12.44
CA LYS A 437 12.75 18.61 13.13
C LYS A 437 13.14 17.20 13.57
N PRO A 438 14.35 16.74 13.25
CA PRO A 438 14.74 15.38 13.65
C PRO A 438 14.61 15.11 15.14
N GLU A 439 15.01 16.06 15.98
CA GLU A 439 14.96 15.83 17.42
C GLU A 439 13.54 15.64 17.91
N ILE A 440 12.57 16.32 17.30
CA ILE A 440 11.19 16.11 17.67
C ILE A 440 10.68 14.80 17.11
N ALA A 441 10.98 14.53 15.84
CA ALA A 441 10.51 13.29 15.21
C ALA A 441 11.03 12.08 15.97
N TYR A 442 12.33 12.05 16.26
CA TYR A 442 12.89 10.92 17.01
C TYR A 442 12.29 10.84 18.41
N TYR A 443 12.20 11.99 19.08
CA TYR A 443 11.64 12.01 20.43
C TYR A 443 10.19 11.54 20.41
N PHE A 444 9.40 12.04 19.47
CA PHE A 444 8.00 11.63 19.41
C PHE A 444 7.89 10.17 18.99
N GLY A 445 8.75 9.73 18.07
CA GLY A 445 8.72 8.35 17.63
C GLY A 445 9.10 7.40 18.74
N ASN A 446 10.14 7.75 19.51
CA ASN A 446 10.45 6.95 20.69
C ASN A 446 9.29 6.93 21.66
N TYR A 447 8.69 8.10 21.92
CA TYR A 447 7.54 8.16 22.81
C TYR A 447 6.41 7.26 22.33
N HIS A 448 6.10 7.33 21.02
CA HIS A 448 4.98 6.55 20.52
C HIS A 448 5.31 5.07 20.51
N LEU A 449 6.56 4.71 20.17
CA LEU A 449 6.94 3.30 20.12
C LEU A 449 6.91 2.69 21.52
N ASN A 450 7.34 3.45 22.53
CA ASN A 450 7.16 3.02 23.91
C ASN A 450 5.72 2.65 24.22
N TYR A 451 4.78 3.45 23.74
CA TYR A 451 3.37 3.09 23.95
C TYR A 451 3.05 1.77 23.25
N LEU A 452 3.51 1.57 22.02
CA LEU A 452 3.08 0.41 21.26
C LEU A 452 3.80 -0.86 21.72
N GLU A 453 5.10 -0.73 21.99
CA GLU A 453 5.88 -1.87 22.47
C GLU A 453 5.31 -2.42 23.76
N SER A 454 4.94 -1.52 24.68
CA SER A 454 4.36 -1.94 25.96
C SER A 454 3.11 -2.81 25.77
N ARG A 455 2.31 -2.57 24.73
CA ARG A 455 1.14 -3.40 24.51
C ARG A 455 1.40 -4.62 23.62
N LEU A 456 2.37 -4.55 22.70
CA LEU A 456 2.48 -5.55 21.64
C LEU A 456 3.77 -6.37 21.64
N LYS A 457 4.85 -5.87 22.26
CA LYS A 457 6.08 -6.65 22.44
C LYS A 457 6.87 -6.82 21.15
N SER A 458 6.36 -7.62 20.22
CA SER A 458 7.12 -7.96 19.03
C SER A 458 7.34 -6.72 18.16
N PRO A 459 8.54 -6.55 17.60
CA PRO A 459 8.74 -5.43 16.67
C PRO A 459 7.88 -5.53 15.42
N LEU A 460 7.53 -6.74 14.98
CA LEU A 460 6.61 -6.88 13.84
C LEU A 460 5.25 -6.26 14.15
N PHE A 461 4.65 -6.65 15.29
CA PHE A 461 3.34 -6.12 15.67
C PHE A 461 3.40 -4.61 15.89
N VAL A 462 4.47 -4.13 16.51
CA VAL A 462 4.65 -2.69 16.64
C VAL A 462 4.62 -2.02 15.28
N ALA A 463 5.28 -2.64 14.29
CA ALA A 463 5.32 -2.08 12.94
C ALA A 463 3.92 -1.99 12.35
N TYR A 464 3.14 -3.08 12.45
CA TYR A 464 1.76 -3.05 11.97
C TYR A 464 0.99 -1.91 12.59
N ALA A 465 1.09 -1.73 13.91
CA ALA A 465 0.29 -0.74 14.61
C ALA A 465 0.83 0.66 14.40
N TYR A 466 2.13 0.79 14.15
CA TYR A 466 2.65 2.10 13.81
C TYR A 466 2.10 2.57 12.46
N ASN A 467 1.94 1.65 11.52
CA ASN A 467 1.51 2.04 10.19
C ASN A 467 -0.02 2.11 10.09
N GLY A 468 -0.72 1.21 10.78
CA GLY A 468 -2.15 1.09 10.61
C GLY A 468 -2.96 1.32 11.87
N GLY A 469 -2.29 1.73 12.94
CA GLY A 469 -2.91 2.02 14.23
C GLY A 469 -3.09 0.78 15.08
N ILE A 470 -3.01 0.97 16.41
CA ILE A 470 -3.13 -0.17 17.32
C ILE A 470 -4.54 -0.74 17.30
N GLY A 471 -5.51 -0.01 16.75
CA GLY A 471 -6.86 -0.52 16.64
C GLY A 471 -6.96 -1.82 15.87
N PHE A 472 -6.55 -1.81 14.59
CA PHE A 472 -6.73 -3.01 13.77
C PHE A 472 -5.75 -4.10 14.14
N THR A 473 -4.59 -3.75 14.70
CA THR A 473 -3.63 -4.76 15.15
C THR A 473 -4.25 -5.62 16.26
N ASN A 474 -4.77 -4.96 17.31
CA ASN A 474 -5.47 -5.69 18.37
C ASN A 474 -6.64 -6.49 17.82
N ARG A 475 -7.41 -5.91 16.90
CA ARG A 475 -8.49 -6.67 16.28
C ARG A 475 -7.95 -7.91 15.57
N MET A 476 -6.84 -7.77 14.84
CA MET A 476 -6.31 -8.92 14.12
C MET A 476 -5.71 -9.94 15.07
N LEU A 477 -4.98 -9.49 16.10
CA LEU A 477 -4.35 -10.42 17.03
C LEU A 477 -5.38 -11.18 17.86
N ALA A 478 -6.55 -10.59 18.09
CA ALA A 478 -7.60 -11.25 18.86
C ALA A 478 -8.31 -12.35 18.06
N ARG A 479 -8.14 -12.41 16.75
CA ARG A 479 -8.69 -13.53 15.99
C ARG A 479 -7.90 -14.80 16.30
N ASN A 480 -8.60 -15.93 16.30
CA ASN A 480 -7.98 -17.19 16.67
C ASN A 480 -7.27 -17.86 15.51
N ASP A 481 -7.28 -17.23 14.33
CA ASP A 481 -6.64 -17.78 13.14
C ASP A 481 -5.46 -16.92 12.68
N MET A 482 -4.93 -16.06 13.55
CA MET A 482 -3.91 -15.10 13.16
C MET A 482 -2.82 -15.13 14.22
N PHE A 483 -1.61 -15.53 13.80
CA PHE A 483 -0.45 -15.55 14.68
C PHE A 483 -0.66 -16.45 15.89
N LYS A 484 -1.41 -17.53 15.69
CA LYS A 484 -1.48 -18.60 16.65
C LYS A 484 -0.50 -19.69 16.20
N THR A 485 -0.55 -20.84 16.84
CA THR A 485 0.33 -21.92 16.43
C THR A 485 -0.19 -22.57 15.14
N GLY A 486 0.69 -23.29 14.46
CA GLY A 486 0.31 -23.89 13.20
C GLY A 486 1.48 -24.31 12.34
N LYS A 487 1.24 -25.33 11.50
CA LYS A 487 2.21 -25.86 10.55
C LYS A 487 3.08 -24.77 9.90
N PHE A 488 2.46 -23.76 9.30
CA PHE A 488 3.18 -22.75 8.52
C PHE A 488 3.25 -21.41 9.25
N GLU A 489 3.06 -21.40 10.54
CA GLU A 489 3.06 -20.14 11.26
C GLU A 489 4.47 -19.77 11.70
N PRO A 490 4.78 -18.47 11.86
CA PRO A 490 3.91 -17.30 11.71
C PRO A 490 3.83 -16.79 10.27
N PHE A 491 4.51 -17.46 9.34
CA PHE A 491 4.66 -16.92 7.99
C PHE A 491 3.33 -16.82 7.28
N LEU A 492 2.41 -17.77 7.51
CA LEU A 492 1.13 -17.70 6.83
C LEU A 492 0.34 -16.49 7.30
N SER A 493 0.37 -16.23 8.61
CA SER A 493 -0.35 -15.08 9.15
C SER A 493 0.19 -13.78 8.59
N MET A 494 1.51 -13.70 8.36
CA MET A 494 2.08 -12.49 7.77
C MET A 494 1.57 -12.26 6.35
N GLU A 495 1.09 -13.30 5.65
CA GLU A 495 0.49 -13.10 4.34
C GLU A 495 -0.99 -12.74 4.42
N LEU A 496 -1.65 -12.94 5.56
CA LEU A 496 -3.09 -12.77 5.69
C LEU A 496 -3.46 -11.52 6.47
N VAL A 497 -2.52 -10.61 6.69
CA VAL A 497 -2.76 -9.31 7.31
C VAL A 497 -3.73 -8.56 6.41
N PRO A 498 -4.89 -8.14 6.93
CA PRO A 498 -6.00 -7.76 6.04
C PRO A 498 -5.82 -6.45 5.28
N TYR A 499 -4.78 -5.66 5.55
CA TYR A 499 -4.51 -4.46 4.76
C TYR A 499 -3.16 -4.60 4.05
N GLN A 500 -3.21 -4.57 2.72
CA GLN A 500 -2.01 -4.78 1.92
C GLN A 500 -0.87 -3.85 2.33
N GLU A 501 -1.19 -2.57 2.59
CA GLU A 501 -0.15 -1.63 2.96
C GLU A 501 0.56 -2.06 4.25
N SER A 502 -0.22 -2.54 5.23
CA SER A 502 0.36 -2.90 6.51
C SER A 502 1.10 -4.23 6.41
N ARG A 503 0.57 -5.15 5.60
CA ARG A 503 1.21 -6.43 5.34
C ARG A 503 2.62 -6.22 4.82
N ILE A 504 2.78 -5.35 3.83
CA ILE A 504 4.07 -5.06 3.23
C ILE A 504 4.95 -4.27 4.20
N TYR A 505 4.36 -3.28 4.87
CA TYR A 505 5.12 -2.42 5.77
C TYR A 505 5.81 -3.24 6.86
N GLY A 506 5.09 -4.23 7.41
CA GLY A 506 5.66 -5.01 8.50
C GLY A 506 6.86 -5.82 8.07
N LYS A 507 6.79 -6.44 6.89
CA LYS A 507 7.93 -7.20 6.39
C LYS A 507 9.12 -6.29 6.16
N LYS A 508 8.89 -5.10 5.62
CA LYS A 508 9.99 -4.20 5.31
C LYS A 508 10.63 -3.65 6.58
N VAL A 509 9.82 -3.24 7.55
CA VAL A 509 10.38 -2.68 8.78
C VAL A 509 11.14 -3.76 9.56
N LEU A 510 10.60 -4.99 9.59
CA LEU A 510 11.27 -6.10 10.25
C LEU A 510 12.66 -6.35 9.65
N ALA A 511 12.78 -6.35 8.33
CA ALA A 511 14.10 -6.47 7.73
C ALA A 511 15.00 -5.32 8.18
N ASN A 512 14.49 -4.08 8.13
CA ASN A 512 15.30 -2.95 8.57
C ASN A 512 15.74 -3.14 10.01
N TYR A 513 14.85 -3.65 10.85
CA TYR A 513 15.15 -3.83 12.26
C TYR A 513 16.30 -4.84 12.45
N ILE A 514 16.22 -6.00 11.77
CA ILE A 514 17.33 -6.96 11.81
C ILE A 514 18.64 -6.30 11.40
N VAL A 515 18.64 -5.59 10.28
CA VAL A 515 19.87 -4.97 9.80
C VAL A 515 20.43 -4.00 10.83
N TYR A 516 19.58 -3.14 11.40
CA TYR A 516 20.10 -2.10 12.27
C TYR A 516 20.59 -2.67 13.60
N ARG A 517 19.87 -3.66 14.15
CA ARG A 517 20.37 -4.35 15.32
C ARG A 517 21.76 -4.92 15.06
N HIS A 518 22.00 -5.37 13.83
CA HIS A 518 23.31 -5.91 13.47
C HIS A 518 24.36 -4.81 13.40
N LEU A 519 24.09 -3.74 12.64
CA LEU A 519 25.06 -2.65 12.55
C LEU A 519 25.32 -2.01 13.91
N LEU A 520 24.39 -2.09 14.83
CA LEU A 520 24.60 -1.54 16.17
C LEU A 520 25.32 -2.50 17.12
N ASN A 521 25.83 -3.64 16.62
CA ASN A 521 26.42 -4.67 17.46
C ASN A 521 25.46 -5.11 18.57
N ASP A 522 24.19 -5.21 18.22
CA ASP A 522 23.18 -5.82 19.09
C ASP A 522 22.41 -6.89 18.31
N SER A 523 23.15 -7.70 17.55
CA SER A 523 22.56 -8.67 16.64
C SER A 523 21.52 -9.54 17.33
N ILE A 524 20.53 -9.95 16.54
CA ILE A 524 19.50 -10.87 16.99
C ILE A 524 19.28 -11.88 15.87
N LYS A 525 19.06 -13.13 16.25
CA LYS A 525 18.71 -14.16 15.29
C LYS A 525 17.29 -13.92 14.81
N ILE A 526 17.12 -13.75 13.49
CA ILE A 526 15.78 -13.51 12.98
C ILE A 526 14.84 -14.66 13.32
N SER A 527 15.38 -15.88 13.46
CA SER A 527 14.55 -17.01 13.87
C SER A 527 13.94 -16.79 15.25
N ASP A 528 14.59 -16.01 16.11
CA ASP A 528 13.99 -15.71 17.41
C ASP A 528 12.81 -14.77 17.26
N ILE A 529 12.89 -13.81 16.32
CA ILE A 529 11.74 -12.97 16.05
C ILE A 529 10.53 -13.82 15.67
N PHE A 530 10.73 -14.81 14.80
CA PHE A 530 9.59 -15.61 14.36
C PHE A 530 9.05 -16.48 15.49
N GLU A 531 9.93 -17.03 16.34
CA GLU A 531 9.46 -17.84 17.46
C GLU A 531 8.51 -17.05 18.36
N ASN A 532 8.86 -15.78 18.64
CA ASN A 532 8.06 -14.93 19.53
C ASN A 532 6.73 -14.48 18.93
N LEU A 533 6.53 -14.67 17.61
CA LEU A 533 5.25 -14.32 17.01
C LEU A 533 4.17 -15.37 17.23
N ILE A 534 4.53 -16.57 17.67
CA ILE A 534 3.58 -17.65 17.83
C ILE A 534 3.00 -17.59 19.24
N GLN A 535 1.76 -17.13 19.37
CA GLN A 535 1.09 -17.07 20.67
C GLN A 535 0.53 -18.45 21.00
N ASN A 536 0.93 -18.97 22.16
CA ASN A 536 0.58 -20.33 22.59
C ASN A 536 -0.69 -20.35 23.45
#